data_7D8M
#
_entry.id   7D8M
#
_cell.length_a   118.959
_cell.length_b   118.959
_cell.length_c   65.347
_cell.angle_alpha   90.000
_cell.angle_beta   90.000
_cell.angle_gamma   120.000
#
_symmetry.space_group_name_H-M   'P 65'
#
loop_
_entity.id
_entity.type
_entity.pdbx_description
1 polymer 'Dye-decolorizing peroxidase'
2 non-polymer 'PROTOPORPHYRIN IX CONTAINING FE'
3 non-polymer 'OXYGEN MOLECULE'
4 water water
#
_entity_poly.entity_id   1
_entity_poly.type   'polypeptide(L)'
_entity_poly.pdbx_seq_one_letter_code
;SAGNDSLPFENIQGDILVGMKKDKEKFVFFHINNATAFKSVLKTYAPANITSVATIIGPVANQPLAFVNLAFSHAGFGAL
NVTDDLQDTAFSDGQFKDSPNLGDDTSTWEEAFKGTNVDGVFLIGSNDESITAQYRDDLNAKFGDAWTIVYDLDSAARPG
NEKGHEHFGYLDGISNPTIPGFGTPHPGQAVVDPGIIFTGRSKDPVMNRPSWALDGSFLVFRKLKQLVPEFNKYVLDNAL
QNQAGNLTVEEGAELLGSRMFGRWKSGAPIDLSPDFDDPALGNDIERNNNFNYSHPGSDLATDQTRCPFTAHIRKTNPRD
LEGQGLFGDTFHAIRAGTPYGPEVTDYEASSNTTTIDRGLAFVEYQSVIGNGFRFQQQAWANNPRFPFSKGPSIQLGLDP
VIGQGSPRETFGLDPRNASESFTVPQVIISNGGEYFFSPSITAIVEKFAALEHHHHHH
;
_entity_poly.pdbx_strand_id   A
#
# COMPACT_ATOMS: atom_id res chain seq x y z
N SER A 6 -2.62 25.98 5.14
CA SER A 6 -2.41 25.25 3.90
C SER A 6 -0.96 24.80 3.76
N LEU A 7 -0.75 23.58 3.13
CA LEU A 7 0.56 22.97 3.04
C LEU A 7 1.33 23.47 1.82
N PRO A 8 2.66 23.50 1.88
CA PRO A 8 3.44 23.92 0.71
C PRO A 8 3.61 22.80 -0.31
N PHE A 9 2.63 22.68 -1.22
CA PHE A 9 2.59 21.53 -2.11
C PHE A 9 3.73 21.52 -3.13
N GLU A 10 4.41 22.64 -3.32
CA GLU A 10 5.61 22.63 -4.15
C GLU A 10 6.83 22.07 -3.42
N ASN A 11 6.73 21.84 -2.10
CA ASN A 11 7.82 21.24 -1.33
C ASN A 11 7.55 19.80 -0.90
N ILE A 12 6.40 19.23 -1.24
CA ILE A 12 6.04 17.89 -0.80
C ILE A 12 6.18 16.93 -1.97
N GLN A 13 6.90 15.83 -1.75
CA GLN A 13 7.07 14.83 -2.79
C GLN A 13 5.72 14.29 -3.25
N GLY A 14 5.50 14.31 -4.57
CA GLY A 14 4.18 14.14 -5.12
C GLY A 14 3.57 12.76 -4.91
N ASP A 15 4.40 11.71 -4.86
CA ASP A 15 3.83 10.37 -4.74
C ASP A 15 3.16 10.13 -3.39
N ILE A 16 3.46 10.97 -2.39
CA ILE A 16 2.88 10.77 -1.06
C ILE A 16 1.38 10.98 -1.09
N LEU A 17 0.94 12.09 -1.65
CA LEU A 17 -0.42 12.56 -1.42
C LEU A 17 -1.36 12.28 -2.59
N VAL A 18 -0.90 12.49 -3.81
CA VAL A 18 -1.74 12.25 -4.97
C VAL A 18 -1.34 10.99 -5.71
N GLY A 19 -0.12 10.53 -5.55
CA GLY A 19 0.34 9.43 -6.37
C GLY A 19 0.85 9.92 -7.70
N MET A 20 1.83 9.20 -8.24
CA MET A 20 2.37 9.51 -9.55
C MET A 20 1.36 9.23 -10.66
N LYS A 21 0.49 8.23 -10.47
CA LYS A 21 -0.57 7.90 -11.41
C LYS A 21 -0.05 7.69 -12.83
N LYS A 22 1.17 7.18 -12.91
CA LYS A 22 1.79 6.86 -14.19
C LYS A 22 1.64 5.37 -14.47
N ASP A 23 1.49 5.05 -15.76
CA ASP A 23 1.24 3.66 -16.17
C ASP A 23 2.40 2.74 -15.81
N LYS A 24 3.63 3.26 -15.80
CA LYS A 24 4.84 2.49 -15.55
C LYS A 24 5.58 3.10 -14.36
N GLU A 25 5.95 2.25 -13.38
CA GLU A 25 6.65 2.74 -12.20
C GLU A 25 7.86 1.86 -11.94
N LYS A 26 9.05 2.46 -11.94
CA LYS A 26 10.31 1.78 -11.69
C LYS A 26 10.78 2.08 -10.27
N PHE A 27 11.19 1.05 -9.54
CA PHE A 27 11.72 1.18 -8.19
C PHE A 27 13.21 0.88 -8.24
N VAL A 28 14.04 1.88 -7.94
CA VAL A 28 15.50 1.71 -7.98
C VAL A 28 16.00 1.72 -6.55
N PHE A 29 16.35 0.53 -6.04
CA PHE A 29 16.88 0.40 -4.68
C PHE A 29 18.40 0.41 -4.73
N PHE A 30 19.01 1.16 -3.83
CA PHE A 30 20.44 1.41 -3.96
C PHE A 30 21.11 1.41 -2.61
N HIS A 31 22.43 1.23 -2.66
CA HIS A 31 23.34 1.36 -1.53
C HIS A 31 24.28 2.52 -1.81
N ILE A 32 24.66 3.24 -0.76
CA ILE A 32 25.52 4.41 -0.91
C ILE A 32 26.97 3.98 -0.64
N ASN A 33 27.82 4.13 -1.66
CA ASN A 33 29.25 3.82 -1.55
C ASN A 33 30.10 5.02 -1.14
N ASN A 34 29.76 6.23 -1.58
CA ASN A 34 30.55 7.43 -1.30
C ASN A 34 29.59 8.56 -0.94
N ALA A 35 29.50 8.87 0.36
CA ALA A 35 28.53 9.87 0.81
C ALA A 35 28.80 11.23 0.20
N THR A 36 30.07 11.65 0.17
CA THR A 36 30.40 12.98 -0.37
C THR A 36 29.99 13.10 -1.83
N ALA A 37 30.33 12.09 -2.64
CA ALA A 37 29.94 12.13 -4.05
C ALA A 37 28.43 11.98 -4.23
N PHE A 38 27.79 11.21 -3.35
CA PHE A 38 26.34 11.06 -3.45
C PHE A 38 25.63 12.37 -3.16
N LYS A 39 25.97 13.02 -2.04
CA LYS A 39 25.37 14.31 -1.72
C LYS A 39 25.59 15.34 -2.84
N SER A 40 26.79 15.35 -3.43
CA SER A 40 27.08 16.32 -4.48
C SER A 40 26.09 16.21 -5.64
N VAL A 41 25.86 14.98 -6.12
CA VAL A 41 24.86 14.75 -7.16
C VAL A 41 23.50 15.25 -6.70
N LEU A 42 23.12 14.86 -5.47
CA LEU A 42 21.81 15.24 -4.95
C LEU A 42 21.60 16.74 -4.97
N LYS A 43 22.67 17.50 -4.68
CA LYS A 43 22.52 18.95 -4.53
C LYS A 43 21.92 19.59 -5.77
N THR A 44 22.29 19.10 -6.95
CA THR A 44 21.71 19.64 -8.18
C THR A 44 20.61 18.75 -8.76
N TYR A 45 20.70 17.43 -8.60
CA TYR A 45 19.66 16.56 -9.11
C TYR A 45 18.31 16.86 -8.46
N ALA A 46 18.28 16.91 -7.13
CA ALA A 46 17.00 16.96 -6.41
C ALA A 46 16.16 18.18 -6.78
N PRO A 47 16.69 19.41 -6.79
CA PRO A 47 15.82 20.55 -7.18
C PRO A 47 15.35 20.48 -8.63
N ALA A 48 16.08 19.79 -9.50
CA ALA A 48 15.72 19.73 -10.91
C ALA A 48 14.76 18.61 -11.26
N ASN A 49 14.67 17.57 -10.41
CA ASN A 49 14.01 16.33 -10.80
C ASN A 49 13.03 15.76 -9.78
N ILE A 50 13.12 16.12 -8.51
CA ILE A 50 12.20 15.57 -7.52
C ILE A 50 10.84 16.21 -7.68
N THR A 51 9.85 15.39 -8.04
CA THR A 51 8.55 15.89 -8.48
C THR A 51 7.67 16.18 -7.28
N SER A 52 7.10 17.39 -7.27
CA SER A 52 6.26 17.82 -6.17
C SER A 52 4.79 17.46 -6.41
N VAL A 53 4.01 17.53 -5.33
CA VAL A 53 2.56 17.50 -5.44
C VAL A 53 2.09 18.55 -6.43
N ALA A 54 2.62 19.77 -6.30
CA ALA A 54 2.17 20.87 -7.15
C ALA A 54 2.38 20.55 -8.63
N THR A 55 3.51 19.95 -8.97
CA THR A 55 3.77 19.61 -10.37
C THR A 55 2.80 18.55 -10.87
N ILE A 56 2.50 17.54 -10.06
CA ILE A 56 1.65 16.46 -10.52
C ILE A 56 0.24 16.99 -10.81
N ILE A 57 -0.30 17.84 -9.92
CA ILE A 57 -1.65 18.36 -10.09
C ILE A 57 -1.72 19.63 -10.92
N GLY A 58 -0.58 20.25 -11.25
CA GLY A 58 -0.58 21.46 -12.03
C GLY A 58 -0.62 21.17 -13.52
N PRO A 59 -0.53 22.24 -14.31
CA PRO A 59 -0.68 22.11 -15.77
C PRO A 59 0.33 21.12 -16.34
N VAL A 60 -0.14 20.31 -17.30
CA VAL A 60 0.69 19.32 -17.95
C VAL A 60 1.91 19.95 -18.60
N ALA A 61 1.85 21.25 -18.89
CA ALA A 61 2.96 21.91 -19.57
C ALA A 61 4.25 21.87 -18.75
N ASN A 62 4.14 21.97 -17.43
CA ASN A 62 5.32 21.99 -16.56
C ASN A 62 5.68 20.61 -16.03
N GLN A 63 5.15 19.55 -16.62
CA GLN A 63 5.50 18.24 -16.08
C GLN A 63 6.65 17.62 -16.85
N PRO A 64 7.61 17.02 -16.17
CA PRO A 64 8.70 16.34 -16.87
C PRO A 64 8.22 15.00 -17.44
N LEU A 65 9.08 14.38 -18.25
CA LEU A 65 8.69 13.13 -18.90
C LEU A 65 8.51 12.00 -17.89
N ALA A 66 9.23 12.04 -16.76
CA ALA A 66 9.03 11.08 -15.70
C ALA A 66 8.99 11.80 -14.37
N PHE A 67 8.11 11.37 -13.47
CA PHE A 67 8.08 11.87 -12.10
C PHE A 67 9.12 11.09 -11.28
N VAL A 68 9.81 11.79 -10.38
CA VAL A 68 10.85 11.15 -9.59
C VAL A 68 10.64 11.50 -8.13
N ASN A 69 10.65 10.49 -7.28
CA ASN A 69 10.63 10.69 -5.84
C ASN A 69 11.79 9.92 -5.23
N LEU A 70 12.12 10.27 -3.99
CA LEU A 70 13.31 9.73 -3.33
C LEU A 70 13.02 9.55 -1.86
N ALA A 71 13.44 8.40 -1.30
CA ALA A 71 13.24 8.11 0.10
C ALA A 71 14.44 7.33 0.64
N PHE A 72 14.74 7.54 1.92
CA PHE A 72 15.91 6.95 2.55
C PHE A 72 15.51 6.01 3.69
N SER A 73 16.22 4.89 3.78
CA SER A 73 16.12 3.98 4.91
C SER A 73 16.95 4.50 6.08
N HIS A 74 16.68 3.93 7.26
CA HIS A 74 17.48 4.22 8.44
C HIS A 74 18.96 3.98 8.18
N ALA A 75 19.28 2.89 7.47
CA ALA A 75 20.67 2.66 7.08
C ALA A 75 21.19 3.78 6.19
N GLY A 76 20.34 4.31 5.31
CA GLY A 76 20.75 5.41 4.45
C GLY A 76 21.04 6.68 5.23
N PHE A 77 20.24 6.95 6.27
CA PHE A 77 20.56 8.06 7.18
C PHE A 77 22.00 7.94 7.68
N GLY A 78 22.36 6.77 8.20
CA GLY A 78 23.71 6.57 8.70
C GLY A 78 24.75 6.83 7.62
N ALA A 79 24.55 6.26 6.44
CA ALA A 79 25.53 6.42 5.36
C ALA A 79 25.65 7.88 4.92
N LEU A 80 24.64 8.70 5.18
CA LEU A 80 24.70 10.12 4.86
C LEU A 80 25.04 10.98 6.07
N ASN A 81 25.37 10.35 7.20
CA ASN A 81 25.66 11.04 8.46
C ASN A 81 24.53 11.98 8.88
N VAL A 82 23.31 11.46 8.81
CA VAL A 82 22.12 12.17 9.27
C VAL A 82 21.57 11.40 10.47
N THR A 83 21.31 12.11 11.56
CA THR A 83 20.84 11.45 12.77
C THR A 83 19.38 11.03 12.60
N ASP A 84 19.08 9.78 12.96
CA ASP A 84 17.69 9.32 12.95
C ASP A 84 17.06 9.73 14.27
N ASP A 85 16.48 10.92 14.30
CA ASP A 85 15.73 11.39 15.45
C ASP A 85 14.24 11.49 15.14
N LEU A 86 13.74 10.64 14.23
CA LEU A 86 12.34 10.71 13.84
C LEU A 86 11.40 10.06 14.85
N GLN A 87 11.94 9.20 15.73
CA GLN A 87 11.16 8.52 16.78
C GLN A 87 10.18 7.49 16.23
N ASP A 88 10.49 6.91 15.06
CA ASP A 88 9.70 5.82 14.50
C ASP A 88 10.48 4.54 14.73
N THR A 89 10.00 3.72 15.67
CA THR A 89 10.75 2.53 16.08
C THR A 89 10.81 1.48 14.97
N ALA A 90 9.72 1.29 14.22
CA ALA A 90 9.77 0.43 13.05
C ALA A 90 10.80 0.92 12.03
N PHE A 91 10.72 2.20 11.68
CA PHE A 91 11.65 2.75 10.69
C PHE A 91 13.10 2.50 11.10
N SER A 92 13.40 2.76 12.38
CA SER A 92 14.78 2.63 12.83
C SER A 92 15.23 1.19 12.82
N ASP A 93 14.32 0.25 13.10
CA ASP A 93 14.64 -1.17 13.08
C ASP A 93 14.93 -1.67 11.68
N GLY A 94 14.25 -1.12 10.67
CA GLY A 94 14.34 -1.68 9.33
C GLY A 94 13.36 -2.84 9.18
N GLN A 95 12.90 -3.09 7.96
CA GLN A 95 11.83 -4.06 7.77
C GLN A 95 12.31 -5.49 7.97
N PHE A 96 13.58 -5.76 7.69
CA PHE A 96 14.10 -7.12 7.85
C PHE A 96 14.07 -7.54 9.31
N LYS A 97 14.60 -6.68 10.18
CA LYS A 97 14.54 -6.93 11.62
C LYS A 97 13.08 -7.02 12.07
N ASP A 98 12.24 -6.09 11.62
CA ASP A 98 10.84 -6.06 12.03
C ASP A 98 10.00 -7.19 11.45
N SER A 99 10.55 -7.98 10.52
CA SER A 99 9.70 -8.86 9.73
C SER A 99 8.93 -9.92 10.53
N PRO A 100 9.43 -10.48 11.65
CA PRO A 100 8.59 -11.42 12.40
C PRO A 100 7.28 -10.83 12.86
N ASN A 101 7.28 -9.53 13.16
CA ASN A 101 6.06 -8.86 13.58
C ASN A 101 5.04 -8.76 12.45
N LEU A 102 5.48 -8.89 11.19
CA LEU A 102 4.58 -8.90 10.05
C LEU A 102 4.08 -10.30 9.71
N GLY A 103 4.64 -11.33 10.34
CA GLY A 103 4.31 -12.69 9.98
C GLY A 103 5.08 -13.21 8.79
N ASP A 104 6.16 -12.54 8.40
CA ASP A 104 6.95 -12.93 7.25
C ASP A 104 7.86 -14.11 7.58
N ASP A 105 8.06 -14.95 6.58
CA ASP A 105 9.10 -15.97 6.56
C ASP A 105 10.13 -15.48 5.56
N THR A 106 11.29 -15.01 6.07
CA THR A 106 12.25 -14.34 5.20
C THR A 106 12.88 -15.27 4.18
N SER A 107 12.62 -16.58 4.25
CA SER A 107 13.12 -17.46 3.21
C SER A 107 12.53 -17.14 1.84
N THR A 108 11.43 -16.39 1.79
CA THR A 108 10.86 -15.97 0.53
C THR A 108 11.27 -14.56 0.11
N TRP A 109 12.15 -13.90 0.87
CA TRP A 109 12.53 -12.52 0.58
C TRP A 109 13.52 -12.44 -0.56
N GLU A 110 13.36 -11.42 -1.41
CA GLU A 110 14.43 -11.04 -2.32
C GLU A 110 15.71 -10.80 -1.54
N GLU A 111 16.83 -11.31 -2.05
CA GLU A 111 18.07 -11.30 -1.30
C GLU A 111 18.48 -9.88 -0.92
N ALA A 112 18.35 -8.92 -1.85
CA ALA A 112 18.80 -7.56 -1.60
C ALA A 112 18.17 -6.93 -0.37
N PHE A 113 16.98 -7.39 0.02
CA PHE A 113 16.31 -6.81 1.18
C PHE A 113 16.70 -7.48 2.49
N LYS A 114 17.41 -8.60 2.45
CA LYS A 114 17.64 -9.42 3.64
C LYS A 114 18.82 -8.85 4.43
N GLY A 115 18.58 -7.67 4.97
CA GLY A 115 19.59 -7.03 5.79
C GLY A 115 19.31 -5.53 5.86
N THR A 116 20.40 -4.76 5.94
CA THR A 116 20.32 -3.31 6.03
C THR A 116 21.21 -2.67 4.99
N ASN A 117 21.45 -3.38 3.87
CA ASN A 117 22.27 -2.85 2.80
C ASN A 117 21.53 -1.80 1.98
N VAL A 118 20.21 -1.89 1.91
CA VAL A 118 19.42 -0.93 1.13
C VAL A 118 19.40 0.40 1.86
N ASP A 119 19.94 1.44 1.22
CA ASP A 119 20.03 2.77 1.79
C ASP A 119 18.90 3.70 1.35
N GLY A 120 18.23 3.39 0.24
CA GLY A 120 17.13 4.20 -0.19
C GLY A 120 16.58 3.69 -1.49
N VAL A 121 15.59 4.42 -2.01
CA VAL A 121 14.94 4.01 -3.24
C VAL A 121 14.52 5.25 -4.01
N PHE A 122 14.72 5.20 -5.33
CA PHE A 122 14.17 6.17 -6.27
C PHE A 122 12.90 5.57 -6.84
N LEU A 123 11.81 6.35 -6.84
CA LEU A 123 10.59 6.02 -7.56
C LEU A 123 10.55 6.84 -8.84
N ILE A 124 10.44 6.15 -9.98
CA ILE A 124 10.45 6.80 -11.30
C ILE A 124 9.17 6.39 -12.02
N GLY A 125 8.27 7.34 -12.24
CA GLY A 125 7.01 7.06 -12.92
C GLY A 125 6.89 7.74 -14.27
N SER A 126 6.51 6.99 -15.31
CA SER A 126 6.38 7.55 -16.65
C SER A 126 5.39 6.68 -17.45
N ASN A 127 5.18 7.07 -18.71
CA ASN A 127 4.25 6.41 -19.61
C ASN A 127 4.88 5.30 -20.44
N ASP A 128 6.21 5.15 -20.38
CA ASP A 128 6.90 4.15 -21.17
C ASP A 128 8.08 3.64 -20.35
N GLU A 129 8.26 2.32 -20.32
CA GLU A 129 9.43 1.74 -19.69
C GLU A 129 10.72 2.25 -20.31
N SER A 130 10.66 2.75 -21.56
CA SER A 130 11.84 3.38 -22.15
C SER A 130 12.26 4.62 -21.37
N ILE A 131 11.28 5.43 -20.93
CA ILE A 131 11.62 6.65 -20.22
C ILE A 131 12.07 6.35 -18.79
N THR A 132 11.42 5.41 -18.09
CA THR A 132 11.90 5.07 -16.75
C THR A 132 13.31 4.49 -16.82
N ALA A 133 13.62 3.74 -17.88
CA ALA A 133 14.98 3.21 -18.03
C ALA A 133 15.97 4.34 -18.31
N GLN A 134 15.52 5.33 -19.09
CA GLN A 134 16.34 6.52 -19.37
C GLN A 134 16.71 7.24 -18.08
N TYR A 135 15.71 7.54 -17.24
CA TYR A 135 15.96 8.20 -15.97
C TYR A 135 16.87 7.37 -15.08
N ARG A 136 16.69 6.04 -15.09
CA ARG A 136 17.59 5.17 -14.35
C ARG A 136 19.02 5.29 -14.90
N ASP A 137 19.18 5.19 -16.23
CA ASP A 137 20.50 5.28 -16.83
C ASP A 137 21.15 6.62 -16.48
N ASP A 138 20.36 7.69 -16.49
CA ASP A 138 20.88 9.01 -16.14
C ASP A 138 21.37 9.05 -14.70
N LEU A 139 20.60 8.45 -13.78
CA LEU A 139 21.07 8.38 -12.40
C LEU A 139 22.36 7.58 -12.31
N ASN A 140 22.45 6.46 -13.02
CA ASN A 140 23.67 5.66 -13.01
C ASN A 140 24.86 6.46 -13.49
N ALA A 141 24.66 7.27 -14.54
CA ALA A 141 25.76 8.04 -15.11
C ALA A 141 26.26 9.10 -14.14
N LYS A 142 25.33 9.80 -13.46
CA LYS A 142 25.70 10.88 -12.56
C LYS A 142 26.31 10.36 -11.26
N PHE A 143 25.72 9.30 -10.67
CA PHE A 143 26.28 8.78 -9.43
C PHE A 143 27.58 8.03 -9.69
N GLY A 144 27.68 7.33 -10.82
CA GLY A 144 28.87 6.53 -11.06
C GLY A 144 29.10 5.52 -9.96
N ASP A 145 30.35 5.45 -9.49
CA ASP A 145 30.71 4.51 -8.44
C ASP A 145 30.22 4.93 -7.06
N ALA A 146 29.59 6.11 -6.93
CA ALA A 146 29.15 6.57 -5.62
C ALA A 146 27.98 5.77 -5.07
N TRP A 147 27.30 4.98 -5.92
CA TRP A 147 26.23 4.12 -5.45
C TRP A 147 26.30 2.77 -6.14
N THR A 148 25.49 1.84 -5.66
CA THR A 148 25.24 0.58 -6.35
C THR A 148 23.73 0.36 -6.35
N ILE A 149 23.18 0.09 -7.52
CA ILE A 149 21.79 -0.35 -7.58
C ILE A 149 21.76 -1.81 -7.16
N VAL A 150 21.05 -2.10 -6.07
CA VAL A 150 21.00 -3.45 -5.55
C VAL A 150 19.73 -4.19 -5.97
N TYR A 151 18.71 -3.48 -6.46
CA TYR A 151 17.48 -4.11 -6.91
C TYR A 151 16.74 -3.13 -7.78
N ASP A 152 16.29 -3.58 -8.95
CA ASP A 152 15.68 -2.71 -9.95
C ASP A 152 14.38 -3.37 -10.42
N LEU A 153 13.24 -2.87 -9.93
CA LEU A 153 11.94 -3.51 -10.14
C LEU A 153 11.05 -2.63 -11.02
N ASP A 154 10.59 -3.18 -12.14
CA ASP A 154 9.61 -2.51 -12.98
C ASP A 154 8.21 -2.98 -12.63
N SER A 155 7.31 -2.03 -12.44
CA SER A 155 5.90 -2.32 -12.23
C SER A 155 5.12 -1.60 -13.32
N ALA A 156 3.93 -2.11 -13.64
CA ALA A 156 3.13 -1.54 -14.71
C ALA A 156 1.65 -1.78 -14.43
N ALA A 157 0.83 -0.79 -14.77
CA ALA A 157 -0.62 -1.00 -14.71
C ALA A 157 -1.02 -2.10 -15.67
N ARG A 158 -2.04 -2.87 -15.28
CA ARG A 158 -2.51 -3.96 -16.12
C ARG A 158 -3.18 -3.40 -17.37
N PRO A 159 -3.28 -4.20 -18.43
CA PRO A 159 -3.71 -3.65 -19.73
C PRO A 159 -5.22 -3.65 -19.91
N GLY A 160 -5.66 -2.74 -20.79
CA GLY A 160 -7.04 -2.75 -21.25
C GLY A 160 -8.04 -2.45 -20.14
N ASN A 161 -9.14 -3.21 -20.13
CA ASN A 161 -10.17 -2.96 -19.12
C ASN A 161 -9.75 -3.42 -17.73
N GLU A 162 -8.58 -4.03 -17.58
CA GLU A 162 -8.04 -4.34 -16.25
C GLU A 162 -7.08 -3.27 -15.75
N LYS A 163 -6.91 -2.17 -16.47
CA LYS A 163 -6.11 -1.06 -15.97
C LYS A 163 -6.73 -0.53 -14.69
N GLY A 164 -5.90 -0.32 -13.68
CA GLY A 164 -6.38 0.05 -12.37
C GLY A 164 -6.75 -1.12 -11.47
N HIS A 165 -6.84 -2.33 -12.02
CA HIS A 165 -7.09 -3.53 -11.22
C HIS A 165 -5.77 -4.17 -10.80
N GLU A 166 -5.78 -4.83 -9.64
CA GLU A 166 -4.63 -5.63 -9.29
C GLU A 166 -4.78 -7.02 -9.91
N HIS A 167 -3.75 -7.85 -9.78
CA HIS A 167 -3.64 -9.06 -10.60
C HIS A 167 -4.70 -10.11 -10.29
N PHE A 168 -5.30 -10.11 -9.10
CA PHE A 168 -6.43 -11.00 -8.88
C PHE A 168 -7.67 -10.54 -9.64
N GLY A 169 -7.67 -9.31 -10.16
CA GLY A 169 -8.74 -8.81 -11.00
C GLY A 169 -9.61 -7.74 -10.36
N TYR A 170 -9.32 -7.33 -9.14
CA TYR A 170 -10.17 -6.39 -8.41
C TYR A 170 -9.70 -4.98 -8.66
N LEU A 171 -10.65 -4.08 -8.97
CA LEU A 171 -10.32 -2.67 -9.07
C LEU A 171 -9.68 -2.19 -7.78
N ASP A 172 -8.56 -1.50 -7.90
CA ASP A 172 -7.77 -1.08 -6.76
C ASP A 172 -7.63 0.44 -6.79
N GLY A 173 -7.04 0.99 -5.74
CA GLY A 173 -6.89 2.43 -5.65
C GLY A 173 -8.20 3.18 -5.52
N ILE A 174 -9.19 2.59 -4.86
CA ILE A 174 -10.48 3.26 -4.67
C ILE A 174 -10.47 4.13 -3.42
N SER A 175 -10.14 3.55 -2.25
CA SER A 175 -10.28 4.21 -0.96
C SER A 175 -8.92 4.61 -0.40
N ASN A 176 -8.69 5.91 -0.29
CA ASN A 176 -7.51 6.46 0.36
C ASN A 176 -7.91 7.71 1.12
N PRO A 177 -7.28 7.98 2.26
CA PRO A 177 -7.61 9.20 3.01
C PRO A 177 -7.13 10.43 2.26
N THR A 178 -7.78 11.55 2.56
CA THR A 178 -7.32 12.85 2.11
C THR A 178 -7.21 13.77 3.33
N ILE A 179 -6.88 15.03 3.08
CA ILE A 179 -6.67 15.99 4.16
C ILE A 179 -7.62 17.16 3.96
N PRO A 180 -7.90 17.93 5.02
CA PRO A 180 -8.78 19.10 4.89
C PRO A 180 -8.23 20.11 3.89
N GLY A 181 -9.13 20.67 3.08
CA GLY A 181 -8.78 21.72 2.15
C GLY A 181 -8.18 21.27 0.85
N PHE A 182 -7.88 19.98 0.69
CA PHE A 182 -7.25 19.47 -0.52
C PHE A 182 -8.36 18.93 -1.42
N GLY A 183 -8.74 19.73 -2.42
CA GLY A 183 -9.80 19.30 -3.30
C GLY A 183 -11.09 19.03 -2.54
N THR A 184 -11.95 18.22 -3.16
CA THR A 184 -13.23 17.87 -2.57
C THR A 184 -13.24 16.39 -2.21
N PRO A 185 -13.50 16.03 -0.95
CA PRO A 185 -13.52 14.61 -0.57
C PRO A 185 -14.68 13.89 -1.23
N HIS A 186 -14.45 12.65 -1.60
CA HIS A 186 -15.51 11.85 -2.16
C HIS A 186 -16.42 11.35 -1.05
N PRO A 187 -17.70 11.07 -1.35
CA PRO A 187 -18.59 10.57 -0.32
C PRO A 187 -18.06 9.26 0.24
N GLY A 188 -17.97 9.20 1.58
CA GLY A 188 -17.37 8.08 2.26
C GLY A 188 -15.85 8.12 2.39
N GLN A 189 -15.17 9.08 1.75
CA GLN A 189 -13.71 9.14 1.83
C GLN A 189 -13.29 9.65 3.20
N ALA A 190 -12.21 9.09 3.75
CA ALA A 190 -11.72 9.55 5.03
C ALA A 190 -11.01 10.90 4.86
N VAL A 191 -11.32 11.84 5.74
CA VAL A 191 -10.61 13.11 5.82
C VAL A 191 -9.88 13.15 7.15
N VAL A 192 -8.57 12.99 7.11
CA VAL A 192 -7.79 12.84 8.33
C VAL A 192 -6.94 14.09 8.54
N ASP A 193 -6.54 14.31 9.80
CA ASP A 193 -5.64 15.42 10.11
C ASP A 193 -4.35 15.27 9.29
N PRO A 194 -3.78 16.37 8.80
CA PRO A 194 -2.57 16.24 7.98
C PRO A 194 -1.43 15.50 8.66
N GLY A 195 -1.35 15.55 9.99
CA GLY A 195 -0.28 14.87 10.70
C GLY A 195 -0.39 13.36 10.76
N ILE A 196 -1.48 12.76 10.26
CA ILE A 196 -1.51 11.31 10.14
C ILE A 196 -0.71 10.86 8.93
N ILE A 197 -0.57 11.72 7.93
CA ILE A 197 0.18 11.41 6.73
C ILE A 197 1.56 12.06 6.74
N PHE A 198 1.63 13.33 7.15
CA PHE A 198 2.83 14.14 7.02
C PHE A 198 3.44 14.39 8.39
N THR A 199 4.70 13.99 8.56
CA THR A 199 5.39 14.23 9.81
C THR A 199 5.50 15.73 10.07
N GLY A 200 5.31 16.12 11.32
CA GLY A 200 5.42 17.51 11.73
C GLY A 200 4.16 18.33 11.55
N ARG A 201 3.14 17.81 10.87
CA ARG A 201 1.91 18.56 10.65
C ARG A 201 0.89 18.24 11.75
N SER A 202 -0.31 18.81 11.62
CA SER A 202 -1.25 18.90 12.74
C SER A 202 -1.70 17.53 13.22
N LYS A 203 -1.63 17.33 14.55
CA LYS A 203 -1.96 16.08 15.22
C LYS A 203 -1.03 14.93 14.84
N ASP A 204 0.21 15.25 14.46
CA ASP A 204 1.26 14.24 14.41
C ASP A 204 1.39 13.60 15.78
N PRO A 205 1.18 12.29 15.93
CA PRO A 205 1.27 11.68 17.27
C PRO A 205 2.63 11.81 17.92
N VAL A 206 3.69 12.01 17.14
CA VAL A 206 5.01 12.39 17.67
C VAL A 206 4.98 13.92 17.77
N MET A 207 4.53 14.41 18.93
CA MET A 207 4.51 15.85 19.15
C MET A 207 5.92 16.40 19.24
N ASN A 208 6.89 15.54 19.52
CA ASN A 208 8.31 15.84 19.63
C ASN A 208 9.05 15.89 18.28
N ARG A 209 8.34 15.98 17.16
CA ARG A 209 8.95 15.66 15.87
C ARG A 209 9.93 16.76 15.44
N PRO A 210 11.12 16.38 14.95
CA PRO A 210 12.12 17.39 14.54
C PRO A 210 11.63 18.27 13.41
N SER A 211 12.14 19.51 13.38
CA SER A 211 11.64 20.51 12.44
C SER A 211 11.98 20.15 11.00
N TRP A 212 13.19 19.63 10.75
CA TRP A 212 13.61 19.33 9.39
C TRP A 212 12.71 18.27 8.74
N ALA A 213 12.06 17.43 9.56
CA ALA A 213 11.21 16.37 9.04
C ALA A 213 9.84 16.86 8.58
N LEU A 214 9.55 18.15 8.73
CA LEU A 214 8.26 18.69 8.32
C LEU A 214 7.93 18.33 6.89
N ASP A 215 6.70 17.85 6.68
CA ASP A 215 6.15 17.55 5.36
C ASP A 215 6.81 16.36 4.69
N GLY A 216 7.55 15.54 5.43
CA GLY A 216 7.94 14.22 4.97
C GLY A 216 6.85 13.19 5.26
N SER A 217 7.12 11.94 4.88
CA SER A 217 6.25 10.82 5.22
C SER A 217 7.03 9.53 5.14
N PHE A 218 6.56 8.52 5.87
CA PHE A 218 7.22 7.22 5.83
C PHE A 218 6.66 6.39 4.68
N LEU A 219 7.57 5.89 3.85
CA LEU A 219 7.23 5.07 2.70
C LEU A 219 7.52 3.62 3.04
N VAL A 220 6.47 2.81 3.19
CA VAL A 220 6.62 1.37 3.35
C VAL A 220 6.58 0.73 1.97
N PHE A 221 7.62 -0.05 1.63
CA PHE A 221 7.61 -0.82 0.39
C PHE A 221 7.57 -2.32 0.71
N ARG A 222 6.69 -3.04 -0.01
CA ARG A 222 6.61 -4.49 0.05
C ARG A 222 6.45 -5.02 -1.36
N LYS A 223 7.32 -5.95 -1.75
CA LYS A 223 7.11 -6.72 -2.97
C LYS A 223 6.24 -7.93 -2.60
N LEU A 224 4.97 -7.92 -3.03
CA LEU A 224 3.98 -8.94 -2.66
C LEU A 224 3.64 -9.77 -3.88
N LYS A 225 4.23 -10.96 -3.96
CA LYS A 225 3.99 -11.89 -5.06
C LYS A 225 2.59 -12.48 -4.95
N GLN A 226 1.90 -12.63 -6.09
CA GLN A 226 0.52 -13.09 -6.12
C GLN A 226 0.39 -14.37 -6.94
N LEU A 227 -0.33 -15.36 -6.38
CA LEU A 227 -0.59 -16.65 -7.01
C LEU A 227 -2.02 -16.62 -7.50
N VAL A 228 -2.21 -16.10 -8.71
CA VAL A 228 -3.55 -15.81 -9.23
C VAL A 228 -4.30 -17.08 -9.61
N PRO A 229 -3.71 -18.00 -10.40
CA PRO A 229 -4.47 -19.23 -10.72
C PRO A 229 -4.78 -20.04 -9.49
N GLU A 230 -3.86 -20.05 -8.51
CA GLU A 230 -4.13 -20.74 -7.25
C GLU A 230 -5.34 -20.13 -6.57
N PHE A 231 -5.40 -18.80 -6.51
CA PHE A 231 -6.54 -18.11 -5.91
C PHE A 231 -7.83 -18.43 -6.66
N ASN A 232 -7.82 -18.33 -7.98
CA ASN A 232 -9.01 -18.63 -8.78
C ASN A 232 -9.49 -20.07 -8.55
N LYS A 233 -8.56 -21.02 -8.52
CA LYS A 233 -8.94 -22.42 -8.28
C LYS A 233 -9.56 -22.61 -6.90
N TYR A 234 -9.04 -21.89 -5.90
CA TYR A 234 -9.57 -22.00 -4.54
C TYR A 234 -11.02 -21.55 -4.46
N VAL A 235 -11.34 -20.39 -5.03
CA VAL A 235 -12.70 -19.87 -4.88
C VAL A 235 -13.66 -20.66 -5.75
N LEU A 236 -13.21 -21.16 -6.89
CA LEU A 236 -14.04 -22.09 -7.66
C LEU A 236 -14.35 -23.35 -6.87
N ASP A 237 -13.32 -23.94 -6.26
CA ASP A 237 -13.48 -25.18 -5.50
C ASP A 237 -14.37 -24.99 -4.28
N ASN A 238 -14.50 -23.77 -3.78
CA ASN A 238 -15.28 -23.51 -2.57
C ASN A 238 -16.47 -22.59 -2.85
N ALA A 239 -16.93 -22.56 -4.10
CA ALA A 239 -17.98 -21.64 -4.51
C ALA A 239 -19.17 -21.64 -3.57
N LEU A 240 -19.70 -20.46 -3.30
CA LEU A 240 -20.79 -20.30 -2.35
C LEU A 240 -22.13 -20.50 -3.05
N GLN A 241 -23.19 -20.54 -2.25
CA GLN A 241 -24.55 -20.65 -2.74
C GLN A 241 -25.44 -19.63 -2.05
N ASN A 242 -26.42 -19.11 -2.78
CA ASN A 242 -27.46 -18.29 -2.18
C ASN A 242 -28.51 -19.19 -1.51
N GLN A 243 -29.42 -18.58 -0.74
CA GLN A 243 -30.46 -19.41 -0.14
C GLN A 243 -31.35 -20.04 -1.21
N ALA A 244 -31.55 -19.34 -2.33
CA ALA A 244 -32.28 -19.94 -3.43
C ALA A 244 -31.59 -21.20 -3.93
N GLY A 245 -30.26 -21.25 -3.87
CA GLY A 245 -29.51 -22.42 -4.29
C GLY A 245 -29.25 -22.52 -5.77
N ASN A 246 -29.42 -21.43 -6.51
CA ASN A 246 -29.33 -21.44 -7.97
C ASN A 246 -28.12 -20.68 -8.52
N LEU A 247 -27.08 -20.51 -7.73
CA LEU A 247 -25.84 -19.96 -8.26
C LEU A 247 -25.09 -21.03 -9.03
N THR A 248 -24.51 -20.65 -10.18
CA THR A 248 -23.54 -21.53 -10.80
C THR A 248 -22.25 -21.58 -9.97
N VAL A 249 -21.38 -22.52 -10.30
CA VAL A 249 -20.09 -22.57 -9.61
C VAL A 249 -19.31 -21.27 -9.83
N GLU A 250 -19.30 -20.78 -11.07
CA GLU A 250 -18.62 -19.53 -11.39
C GLU A 250 -19.21 -18.35 -10.61
N GLU A 251 -20.54 -18.32 -10.49
CA GLU A 251 -21.17 -17.24 -9.75
C GLU A 251 -20.86 -17.34 -8.25
N GLY A 252 -20.89 -18.55 -7.71
CA GLY A 252 -20.55 -18.72 -6.30
C GLY A 252 -19.09 -18.44 -6.02
N ALA A 253 -18.22 -18.67 -7.00
CA ALA A 253 -16.80 -18.36 -6.82
C ALA A 253 -16.58 -16.85 -6.78
N GLU A 254 -17.23 -16.09 -7.66
CA GLU A 254 -17.09 -14.64 -7.60
C GLU A 254 -17.73 -14.07 -6.34
N LEU A 255 -18.82 -14.66 -5.86
CA LEU A 255 -19.37 -14.23 -4.59
C LEU A 255 -18.35 -14.42 -3.47
N LEU A 256 -17.73 -15.60 -3.41
CA LEU A 256 -16.76 -15.87 -2.36
C LEU A 256 -15.59 -14.89 -2.44
N GLY A 257 -15.07 -14.64 -3.64
CA GLY A 257 -14.02 -13.64 -3.79
C GLY A 257 -14.43 -12.26 -3.31
N SER A 258 -15.66 -11.85 -3.62
CA SER A 258 -16.15 -10.56 -3.14
C SER A 258 -16.24 -10.54 -1.62
N ARG A 259 -16.55 -11.67 -1.00
CA ARG A 259 -16.60 -11.73 0.45
C ARG A 259 -15.21 -11.66 1.08
N MET A 260 -14.20 -12.23 0.43
CA MET A 260 -12.83 -12.12 0.94
C MET A 260 -12.32 -10.69 0.90
N PHE A 261 -12.62 -9.96 -0.18
CA PHE A 261 -12.06 -8.63 -0.37
C PHE A 261 -12.92 -7.54 0.27
N GLY A 262 -14.25 -7.68 0.21
CA GLY A 262 -15.16 -6.61 0.53
C GLY A 262 -15.66 -5.86 -0.68
N ARG A 263 -15.23 -6.25 -1.88
CA ARG A 263 -15.63 -5.62 -3.12
C ARG A 263 -15.69 -6.70 -4.19
N TRP A 264 -16.57 -6.51 -5.16
CA TRP A 264 -16.54 -7.26 -6.40
C TRP A 264 -15.36 -6.77 -7.26
N LYS A 265 -15.06 -7.51 -8.33
CA LYS A 265 -13.91 -7.14 -9.15
C LYS A 265 -14.10 -5.76 -9.81
N SER A 266 -15.35 -5.36 -10.03
CA SER A 266 -15.62 -4.04 -10.60
C SER A 266 -15.31 -2.91 -9.64
N GLY A 267 -15.12 -3.20 -8.37
CA GLY A 267 -14.98 -2.17 -7.35
C GLY A 267 -16.24 -1.94 -6.54
N ALA A 268 -17.36 -2.55 -6.94
CA ALA A 268 -18.61 -2.37 -6.22
C ALA A 268 -18.47 -2.91 -4.81
N PRO A 269 -18.72 -2.10 -3.78
CA PRO A 269 -18.56 -2.59 -2.40
C PRO A 269 -19.70 -3.53 -2.03
N ILE A 270 -19.34 -4.70 -1.50
CA ILE A 270 -20.37 -5.68 -1.20
C ILE A 270 -21.29 -5.19 -0.10
N ASP A 271 -20.86 -4.21 0.71
CA ASP A 271 -21.74 -3.67 1.75
C ASP A 271 -22.92 -2.93 1.15
N LEU A 272 -22.78 -2.43 -0.09
CA LEU A 272 -23.87 -1.79 -0.80
C LEU A 272 -24.55 -2.71 -1.81
N SER A 273 -23.85 -3.74 -2.29
CA SER A 273 -24.37 -4.64 -3.33
C SER A 273 -23.92 -6.07 -3.01
N PRO A 274 -24.53 -6.70 -2.01
CA PRO A 274 -24.01 -7.99 -1.53
C PRO A 274 -24.30 -9.18 -2.42
N ASP A 275 -25.30 -9.13 -3.30
CA ASP A 275 -25.78 -10.33 -3.96
C ASP A 275 -25.24 -10.52 -5.36
N PHE A 276 -24.91 -9.43 -6.05
CA PHE A 276 -24.33 -9.52 -7.37
C PHE A 276 -23.49 -8.28 -7.64
N ASP A 277 -22.58 -8.40 -8.57
CA ASP A 277 -21.77 -7.26 -8.97
C ASP A 277 -22.64 -6.19 -9.61
N ASP A 278 -22.25 -4.95 -9.39
CA ASP A 278 -22.91 -3.80 -10.01
C ASP A 278 -21.79 -2.94 -10.56
N PRO A 279 -21.38 -3.18 -11.81
CA PRO A 279 -20.21 -2.49 -12.35
C PRO A 279 -20.39 -1.00 -12.49
N ALA A 280 -21.61 -0.50 -12.63
CA ALA A 280 -21.80 0.94 -12.65
C ALA A 280 -21.51 1.54 -11.29
N LEU A 281 -21.95 0.87 -10.22
CA LEU A 281 -21.63 1.32 -8.87
C LEU A 281 -20.12 1.27 -8.64
N GLY A 282 -19.48 0.15 -8.98
CA GLY A 282 -18.06 0.00 -8.72
C GLY A 282 -17.21 1.05 -9.42
N ASN A 283 -17.60 1.45 -10.62
CA ASN A 283 -16.80 2.38 -11.40
C ASN A 283 -17.08 3.84 -11.04
N ASP A 284 -18.11 4.12 -10.26
CA ASP A 284 -18.53 5.49 -9.98
C ASP A 284 -17.81 6.00 -8.73
N ILE A 285 -16.93 6.99 -8.93
CA ILE A 285 -16.19 7.61 -7.82
C ILE A 285 -17.12 8.17 -6.78
N GLU A 286 -18.34 8.56 -7.17
CA GLU A 286 -19.24 9.22 -6.25
C GLU A 286 -20.04 8.23 -5.43
N ARG A 287 -20.08 6.96 -5.82
CA ARG A 287 -20.89 5.96 -5.13
C ARG A 287 -20.06 4.85 -4.49
N ASN A 288 -18.91 4.49 -5.06
CA ASN A 288 -18.26 3.23 -4.72
C ASN A 288 -17.56 3.23 -3.37
N ASN A 289 -17.50 4.37 -2.67
CA ASN A 289 -16.91 4.40 -1.33
C ASN A 289 -17.86 4.90 -0.27
N ASN A 290 -19.14 5.09 -0.59
CA ASN A 290 -20.09 5.71 0.32
C ASN A 290 -20.79 4.61 1.14
N PHE A 291 -20.08 4.11 2.15
CA PHE A 291 -20.59 3.06 3.02
C PHE A 291 -19.77 3.05 4.30
N ASN A 292 -20.38 2.51 5.36
CA ASN A 292 -19.68 2.39 6.64
C ASN A 292 -20.08 1.12 7.39
N TYR A 293 -20.72 0.17 6.70
CA TYR A 293 -21.15 -1.12 7.21
C TYR A 293 -22.41 -1.02 8.08
N SER A 294 -22.88 0.19 8.38
CA SER A 294 -24.14 0.32 9.10
C SER A 294 -25.33 0.24 8.13
N HIS A 295 -26.46 -0.25 8.64
CA HIS A 295 -27.67 -0.42 7.87
C HIS A 295 -28.87 -0.38 8.82
N PRO A 296 -29.97 0.25 8.42
CA PRO A 296 -31.19 0.18 9.23
C PRO A 296 -31.52 -1.27 9.59
N GLY A 297 -31.81 -1.51 10.86
CA GLY A 297 -32.21 -2.82 11.33
C GLY A 297 -31.11 -3.84 11.48
N SER A 298 -29.85 -3.42 11.38
CA SER A 298 -28.74 -4.34 11.37
C SER A 298 -27.84 -4.07 12.58
N ASP A 299 -27.48 -5.14 13.28
CA ASP A 299 -26.62 -5.03 14.47
C ASP A 299 -25.16 -5.11 14.01
N LEU A 300 -24.43 -3.99 14.16
CA LEU A 300 -23.00 -3.96 13.82
C LEU A 300 -22.21 -5.02 14.57
N ALA A 301 -22.69 -5.43 15.74
CA ALA A 301 -21.96 -6.41 16.54
C ALA A 301 -22.07 -7.83 15.99
N THR A 302 -23.09 -8.13 15.16
CA THR A 302 -23.31 -9.52 14.72
C THR A 302 -23.54 -9.71 13.23
N ASP A 303 -23.98 -8.70 12.49
CA ASP A 303 -24.48 -8.91 11.13
C ASP A 303 -23.33 -8.95 10.13
N GLN A 304 -23.03 -10.14 9.60
CA GLN A 304 -22.08 -10.27 8.51
C GLN A 304 -22.75 -10.61 7.18
N THR A 305 -24.06 -10.38 7.07
CA THR A 305 -24.75 -10.76 5.83
C THR A 305 -24.39 -9.85 4.68
N ARG A 306 -23.98 -8.61 4.94
CA ARG A 306 -23.56 -7.73 3.85
C ARG A 306 -22.04 -7.71 3.64
N CYS A 307 -21.25 -7.87 4.71
CA CYS A 307 -19.78 -7.88 4.64
C CYS A 307 -19.19 -8.61 5.83
N PRO A 308 -18.40 -9.66 5.63
CA PRO A 308 -17.82 -10.38 6.77
C PRO A 308 -16.94 -9.44 7.57
N PHE A 309 -16.91 -9.67 8.89
CA PHE A 309 -16.04 -8.87 9.76
C PHE A 309 -14.59 -9.00 9.35
N THR A 310 -14.25 -10.06 8.62
CA THR A 310 -12.89 -10.37 8.23
C THR A 310 -12.56 -10.02 6.79
N ALA A 311 -13.48 -9.39 6.05
CA ALA A 311 -13.16 -8.95 4.70
C ALA A 311 -11.95 -8.04 4.73
N HIS A 312 -11.14 -8.14 3.68
CA HIS A 312 -9.87 -7.41 3.63
C HIS A 312 -10.05 -5.94 3.94
N ILE A 313 -10.94 -5.25 3.23
CA ILE A 313 -11.07 -3.80 3.42
C ILE A 313 -11.66 -3.48 4.78
N ARG A 314 -12.47 -4.39 5.35
CA ARG A 314 -13.03 -4.15 6.66
C ARG A 314 -12.03 -4.45 7.78
N LYS A 315 -11.06 -5.34 7.54
CA LYS A 315 -9.96 -5.54 8.48
C LYS A 315 -9.02 -4.33 8.50
N THR A 316 -8.65 -3.83 7.31
CA THR A 316 -7.62 -2.78 7.23
C THR A 316 -8.18 -1.38 7.40
N ASN A 317 -9.49 -1.19 7.26
CA ASN A 317 -10.16 0.07 7.57
C ASN A 317 -11.49 -0.30 8.21
N PRO A 318 -11.49 -0.56 9.51
CA PRO A 318 -12.73 -0.89 10.24
C PRO A 318 -13.56 0.37 10.47
N ARG A 319 -14.23 0.80 9.39
CA ARG A 319 -14.99 2.05 9.41
C ARG A 319 -16.03 2.05 10.52
N ASP A 320 -16.60 0.89 10.84
CA ASP A 320 -17.69 0.86 11.82
C ASP A 320 -17.16 1.06 13.24
N LEU A 321 -16.00 0.48 13.56
CA LEU A 321 -15.40 0.69 14.86
C LEU A 321 -15.05 2.16 15.08
N GLU A 322 -14.41 2.77 14.07
CA GLU A 322 -14.07 4.19 14.16
C GLU A 322 -15.33 5.05 14.21
N GLY A 323 -16.32 4.71 13.40
CA GLY A 323 -17.54 5.49 13.35
C GLY A 323 -18.31 5.44 14.65
N GLN A 324 -18.15 4.35 15.40
CA GLN A 324 -18.69 4.25 16.75
C GLN A 324 -17.86 5.00 17.78
N GLY A 325 -16.77 5.64 17.36
CA GLY A 325 -15.93 6.42 18.25
C GLY A 325 -15.01 5.62 19.13
N LEU A 326 -14.83 4.32 18.86
CA LEU A 326 -13.90 3.54 19.68
C LEU A 326 -12.46 3.98 19.48
N PHE A 327 -12.14 4.59 18.34
CA PHE A 327 -10.85 5.22 18.12
C PHE A 327 -11.04 6.19 16.96
N GLY A 328 -10.00 6.98 16.69
CA GLY A 328 -10.04 8.04 15.70
C GLY A 328 -9.47 7.67 14.35
N ASP A 329 -8.86 8.65 13.69
CA ASP A 329 -8.32 8.49 12.34
C ASP A 329 -6.85 8.08 12.32
N THR A 330 -6.33 7.65 13.47
CA THR A 330 -4.92 7.34 13.68
C THR A 330 -4.34 6.36 12.68
N PHE A 331 -5.18 5.45 12.16
CA PHE A 331 -4.72 4.26 11.46
C PHE A 331 -5.02 4.29 9.96
N HIS A 332 -5.33 5.46 9.41
CA HIS A 332 -5.45 5.59 7.97
C HIS A 332 -4.09 5.85 7.34
N ALA A 333 -3.93 5.42 6.08
CA ALA A 333 -2.68 5.61 5.35
C ALA A 333 -2.98 5.53 3.87
N ILE A 334 -2.09 6.09 3.05
CA ILE A 334 -2.31 6.21 1.62
C ILE A 334 -1.51 5.15 0.88
N ARG A 335 -2.19 4.35 0.06
CA ARG A 335 -1.54 3.36 -0.78
C ARG A 335 -1.28 3.94 -2.16
N ALA A 336 -0.08 3.67 -2.70
CA ALA A 336 0.35 4.23 -3.99
C ALA A 336 1.12 3.22 -4.82
N GLY A 337 0.87 1.94 -4.59
CA GLY A 337 1.61 0.90 -5.28
C GLY A 337 1.08 0.65 -6.67
N THR A 338 1.78 -0.25 -7.37
CA THR A 338 1.49 -0.61 -8.76
C THR A 338 1.69 -2.10 -8.96
N PRO A 339 0.78 -2.78 -9.65
CA PRO A 339 1.02 -4.19 -10.01
C PRO A 339 2.33 -4.36 -10.76
N TYR A 340 2.91 -5.55 -10.62
CA TYR A 340 4.12 -5.90 -11.37
C TYR A 340 3.92 -7.27 -12.00
N GLY A 341 4.63 -7.49 -13.10
CA GLY A 341 4.60 -8.78 -13.78
C GLY A 341 3.57 -8.85 -14.89
N PRO A 342 3.72 -9.81 -15.79
CA PRO A 342 2.81 -9.93 -16.93
C PRO A 342 1.48 -10.57 -16.54
N GLU A 343 0.59 -10.59 -17.52
CA GLU A 343 -0.70 -11.21 -17.33
C GLU A 343 -0.55 -12.72 -17.18
N VAL A 344 -1.59 -13.34 -16.62
CA VAL A 344 -1.64 -14.79 -16.48
C VAL A 344 -1.71 -15.45 -17.86
N THR A 345 -0.86 -16.44 -18.09
CA THR A 345 -0.80 -17.08 -19.40
C THR A 345 -1.82 -18.20 -19.47
N ASP A 346 -2.12 -18.63 -20.71
CA ASP A 346 -3.04 -19.76 -20.89
C ASP A 346 -2.58 -20.98 -20.11
N TYR A 347 -1.27 -21.26 -20.12
CA TYR A 347 -0.74 -22.43 -19.42
C TYR A 347 -1.00 -22.33 -17.93
N GLU A 348 -0.70 -21.17 -17.34
CA GLU A 348 -0.91 -20.99 -15.91
C GLU A 348 -2.37 -21.18 -15.55
N ALA A 349 -3.27 -20.56 -16.32
CA ALA A 349 -4.69 -20.69 -16.04
C ALA A 349 -5.14 -22.15 -16.16
N SER A 350 -4.78 -22.80 -17.27
CA SER A 350 -5.20 -24.19 -17.48
C SER A 350 -4.71 -25.10 -16.37
N SER A 351 -3.47 -24.92 -15.94
CA SER A 351 -2.86 -25.78 -14.93
C SER A 351 -3.15 -25.34 -13.51
N ASN A 352 -3.83 -24.19 -13.33
CA ASN A 352 -4.11 -23.65 -12.00
C ASN A 352 -2.83 -23.41 -11.20
N THR A 353 -1.74 -23.11 -11.91
CA THR A 353 -0.41 -23.06 -11.30
C THR A 353 0.34 -21.84 -11.82
N THR A 354 0.96 -21.09 -10.90
CA THR A 354 1.77 -19.95 -11.27
C THR A 354 3.13 -20.42 -11.79
N THR A 355 3.56 -19.88 -12.93
CA THR A 355 4.91 -20.09 -13.44
C THR A 355 5.73 -18.81 -13.54
N ILE A 356 5.10 -17.63 -13.48
CA ILE A 356 5.78 -16.35 -13.67
C ILE A 356 5.57 -15.50 -12.44
N ASP A 357 6.61 -14.77 -12.04
CA ASP A 357 6.51 -13.84 -10.91
C ASP A 357 5.66 -12.65 -11.31
N ARG A 358 4.65 -12.36 -10.52
CA ARG A 358 3.76 -11.21 -10.72
C ARG A 358 3.19 -10.86 -9.36
N GLY A 359 2.74 -9.62 -9.23
CA GLY A 359 2.18 -9.25 -7.94
C GLY A 359 1.92 -7.77 -7.80
N LEU A 360 2.16 -7.25 -6.61
CA LEU A 360 1.92 -5.85 -6.31
C LEU A 360 3.19 -5.27 -5.75
N ALA A 361 3.70 -4.22 -6.39
CA ALA A 361 4.74 -3.39 -5.80
C ALA A 361 4.03 -2.44 -4.84
N PHE A 362 3.89 -2.87 -3.58
CA PHE A 362 3.04 -2.20 -2.61
C PHE A 362 3.77 -1.02 -1.97
N VAL A 363 3.11 0.13 -1.93
CA VAL A 363 3.63 1.34 -1.32
C VAL A 363 2.54 1.94 -0.44
N GLU A 364 2.88 2.25 0.81
CA GLU A 364 1.92 2.87 1.72
C GLU A 364 2.61 3.96 2.51
N TYR A 365 1.98 5.14 2.57
CA TYR A 365 2.52 6.32 3.23
C TYR A 365 1.75 6.64 4.50
N GLN A 366 2.46 7.10 5.53
CA GLN A 366 1.87 7.46 6.81
C GLN A 366 2.94 8.14 7.66
N SER A 367 2.48 8.95 8.61
CA SER A 367 3.41 9.64 9.50
C SER A 367 4.01 8.71 10.56
N VAL A 368 3.34 7.61 10.88
CA VAL A 368 3.82 6.64 11.86
C VAL A 368 3.65 5.26 11.26
N ILE A 369 4.76 4.59 10.95
CA ILE A 369 4.69 3.25 10.38
C ILE A 369 3.84 2.34 11.26
N GLY A 370 4.04 2.41 12.57
CA GLY A 370 3.34 1.53 13.50
C GLY A 370 1.85 1.73 13.54
N ASN A 371 1.36 2.90 13.09
CA ASN A 371 -0.07 3.20 13.06
C ASN A 371 -0.73 2.95 11.73
N GLY A 372 0.05 2.87 10.65
CA GLY A 372 -0.53 2.63 9.34
C GLY A 372 -0.31 1.20 8.88
N PHE A 373 0.60 1.03 7.92
CA PHE A 373 0.88 -0.30 7.37
C PHE A 373 1.02 -1.35 8.47
N ARG A 374 1.86 -1.06 9.47
CA ARG A 374 2.24 -2.08 10.44
C ARG A 374 1.05 -2.49 11.30
N PHE A 375 0.22 -1.52 11.69
CA PHE A 375 -0.98 -1.81 12.47
C PHE A 375 -1.99 -2.59 11.63
N GLN A 376 -2.22 -2.13 10.40
CA GLN A 376 -3.15 -2.80 9.50
C GLN A 376 -2.74 -4.25 9.27
N GLN A 377 -1.44 -4.50 9.13
CA GLN A 377 -0.96 -5.86 8.93
C GLN A 377 -1.00 -6.67 10.23
N GLN A 378 -0.30 -6.18 11.27
CA GLN A 378 -0.10 -7.01 12.47
C GLN A 378 -1.30 -6.97 13.41
N ALA A 379 -1.78 -5.77 13.78
CA ALA A 379 -2.83 -5.68 14.79
C ALA A 379 -4.20 -6.09 14.25
N TRP A 380 -4.39 -6.08 12.93
CA TRP A 380 -5.70 -6.25 12.34
C TRP A 380 -5.75 -7.47 11.42
N ALA A 381 -5.02 -7.43 10.31
CA ALA A 381 -5.06 -8.52 9.33
C ALA A 381 -4.61 -9.84 9.94
N ASN A 382 -3.50 -9.83 10.68
CA ASN A 382 -2.93 -11.05 11.26
C ASN A 382 -3.54 -11.42 12.59
N ASN A 383 -4.48 -10.64 13.09
CA ASN A 383 -5.01 -10.83 14.44
C ASN A 383 -6.31 -11.61 14.38
N PRO A 384 -6.36 -12.86 14.87
CA PRO A 384 -7.61 -13.64 14.75
C PRO A 384 -8.73 -13.18 15.68
N ARG A 385 -8.47 -12.24 16.59
CA ARG A 385 -9.54 -11.69 17.43
C ARG A 385 -9.89 -10.26 17.05
N PHE A 386 -9.42 -9.77 15.90
CA PHE A 386 -9.87 -8.48 15.40
C PHE A 386 -10.83 -8.67 14.24
N PRO A 387 -11.94 -7.90 14.19
CA PRO A 387 -12.29 -6.78 15.08
C PRO A 387 -12.86 -7.19 16.44
N PHE A 388 -12.47 -6.43 17.45
CA PHE A 388 -13.13 -6.49 18.75
C PHE A 388 -14.47 -5.76 18.66
N SER A 389 -15.27 -5.91 19.73
CA SER A 389 -16.61 -5.36 19.96
C SER A 389 -17.70 -6.18 19.30
N LYS A 390 -17.40 -7.31 18.68
CA LYS A 390 -18.45 -8.11 18.07
C LYS A 390 -19.00 -9.10 19.11
N GLY A 391 -20.00 -9.88 18.71
CA GLY A 391 -20.58 -10.86 19.59
C GLY A 391 -19.54 -11.82 20.14
N PRO A 392 -19.59 -12.10 21.45
CA PRO A 392 -18.50 -12.84 22.10
C PRO A 392 -18.24 -14.22 21.53
N SER A 393 -19.24 -14.87 20.93
CA SER A 393 -19.04 -16.18 20.34
C SER A 393 -18.73 -16.13 18.85
N ILE A 394 -18.76 -14.95 18.25
CA ILE A 394 -18.57 -14.81 16.81
C ILE A 394 -17.09 -14.97 16.50
N GLN A 395 -16.74 -16.04 15.79
CA GLN A 395 -15.36 -16.32 15.41
C GLN A 395 -14.95 -15.42 14.24
N LEU A 396 -13.67 -15.07 14.23
CA LEU A 396 -13.20 -14.08 13.26
C LEU A 396 -12.09 -14.68 12.41
N GLY A 397 -10.87 -14.73 12.93
CA GLY A 397 -9.75 -15.28 12.17
C GLY A 397 -9.00 -14.20 11.41
N LEU A 398 -8.21 -14.65 10.43
CA LEU A 398 -7.29 -13.77 9.71
C LEU A 398 -7.97 -13.12 8.51
N ASP A 399 -7.39 -11.99 8.10
CA ASP A 399 -7.68 -11.43 6.79
C ASP A 399 -7.42 -12.52 5.74
N PRO A 400 -8.40 -12.86 4.91
CA PRO A 400 -8.19 -13.97 3.97
C PRO A 400 -7.38 -13.59 2.75
N VAL A 401 -7.03 -12.31 2.59
CA VAL A 401 -6.18 -11.87 1.49
C VAL A 401 -4.75 -11.78 1.99
N ILE A 402 -4.48 -10.90 2.96
CA ILE A 402 -3.12 -10.60 3.39
C ILE A 402 -2.77 -11.20 4.74
N GLY A 403 -3.70 -11.84 5.45
CA GLY A 403 -3.39 -12.31 6.80
C GLY A 403 -2.32 -13.38 6.79
N GLN A 404 -1.38 -13.28 7.72
CA GLN A 404 -0.31 -14.27 7.85
C GLN A 404 0.02 -14.46 9.32
N GLY A 405 1.07 -15.25 9.57
CA GLY A 405 1.65 -15.41 10.89
C GLY A 405 1.06 -16.53 11.71
N SER A 406 -0.12 -17.03 11.34
CA SER A 406 -0.83 -18.10 12.01
C SER A 406 -1.38 -19.04 10.95
N PRO A 407 -2.02 -20.16 11.33
CA PRO A 407 -2.84 -20.90 10.36
C PRO A 407 -3.89 -20.00 9.75
N ARG A 408 -3.99 -20.02 8.42
CA ARG A 408 -4.78 -19.04 7.69
C ARG A 408 -6.25 -19.47 7.68
N GLU A 409 -6.84 -19.43 8.87
CA GLU A 409 -8.26 -19.73 9.05
C GLU A 409 -9.05 -18.44 9.18
N THR A 410 -10.10 -18.31 8.38
CA THR A 410 -10.98 -17.14 8.36
C THR A 410 -12.43 -17.62 8.51
N PHE A 411 -13.18 -17.00 9.41
CA PHE A 411 -14.60 -17.27 9.58
C PHE A 411 -15.45 -16.16 8.96
N GLY A 412 -16.76 -16.43 8.85
CA GLY A 412 -17.75 -15.46 8.43
C GLY A 412 -17.87 -15.23 6.93
N LEU A 413 -17.09 -15.94 6.11
CA LEU A 413 -17.13 -15.70 4.67
C LEU A 413 -18.41 -16.22 4.03
N ASP A 414 -19.00 -17.28 4.59
CA ASP A 414 -20.28 -17.80 4.10
C ASP A 414 -21.43 -17.00 4.71
N PRO A 415 -22.18 -16.24 3.91
CA PRO A 415 -23.22 -15.38 4.47
C PRO A 415 -24.36 -16.17 5.09
N ARG A 416 -24.47 -17.46 4.76
CA ARG A 416 -25.52 -18.33 5.30
C ARG A 416 -25.06 -19.09 6.53
N ASN A 417 -23.82 -18.89 6.96
CA ASN A 417 -23.28 -19.65 8.08
C ASN A 417 -22.01 -18.99 8.58
N ALA A 418 -22.15 -18.01 9.47
CA ALA A 418 -20.99 -17.30 9.98
C ALA A 418 -19.97 -18.24 10.62
N SER A 419 -20.40 -19.41 11.07
CA SER A 419 -19.53 -20.31 11.79
C SER A 419 -18.62 -21.14 10.89
N GLU A 420 -18.89 -21.19 9.59
CA GLU A 420 -18.08 -22.02 8.70
C GLU A 420 -16.68 -21.44 8.55
N SER A 421 -15.68 -22.27 8.79
CA SER A 421 -14.28 -21.87 8.62
C SER A 421 -13.83 -22.07 7.18
N PHE A 422 -12.99 -21.15 6.71
CA PHE A 422 -12.29 -21.28 5.44
C PHE A 422 -10.79 -21.24 5.73
N THR A 423 -10.09 -22.30 5.37
CA THR A 423 -8.63 -22.31 5.44
C THR A 423 -8.13 -21.96 4.05
N VAL A 424 -7.72 -20.71 3.90
CA VAL A 424 -7.37 -20.16 2.59
C VAL A 424 -5.89 -20.39 2.34
N PRO A 425 -5.52 -21.03 1.23
CA PRO A 425 -4.10 -21.17 0.91
C PRO A 425 -3.46 -19.81 0.78
N GLN A 426 -2.16 -19.76 1.02
CA GLN A 426 -1.44 -18.51 0.89
C GLN A 426 -1.41 -18.13 -0.59
N VAL A 427 -2.08 -17.04 -0.95
CA VAL A 427 -2.08 -16.57 -2.34
C VAL A 427 -1.25 -15.32 -2.53
N ILE A 428 -0.76 -14.72 -1.44
CA ILE A 428 0.13 -13.57 -1.47
C ILE A 428 1.35 -13.95 -0.65
N ILE A 429 2.53 -13.83 -1.26
CA ILE A 429 3.77 -14.23 -0.62
C ILE A 429 4.66 -12.99 -0.57
N SER A 430 5.07 -12.62 0.63
CA SER A 430 5.94 -11.47 0.81
C SER A 430 7.35 -11.80 0.32
N ASN A 431 7.84 -11.03 -0.65
CA ASN A 431 9.24 -11.07 -1.03
C ASN A 431 10.05 -9.99 -0.33
N GLY A 432 9.49 -9.38 0.71
CA GLY A 432 10.22 -8.41 1.50
C GLY A 432 10.23 -7.01 0.91
N GLY A 433 10.97 -6.15 1.61
CA GLY A 433 11.02 -4.74 1.25
C GLY A 433 11.76 -3.98 2.34
N GLU A 434 11.43 -2.70 2.47
CA GLU A 434 12.13 -1.87 3.44
C GLU A 434 11.24 -0.70 3.81
N TYR A 435 11.49 -0.15 5.00
CA TYR A 435 10.86 1.08 5.45
C TYR A 435 11.75 2.27 5.07
N PHE A 436 11.15 3.29 4.46
CA PHE A 436 11.88 4.47 4.05
C PHE A 436 11.19 5.71 4.60
N PHE A 437 11.90 6.84 4.52
CA PHE A 437 11.34 8.15 4.83
C PHE A 437 11.50 9.03 3.60
N SER A 438 10.39 9.61 3.13
CA SER A 438 10.40 10.56 2.03
C SER A 438 10.47 11.96 2.61
N PRO A 439 11.60 12.65 2.55
CA PRO A 439 11.67 14.00 3.09
C PRO A 439 10.97 14.99 2.16
N SER A 440 10.71 16.17 2.72
CA SER A 440 10.38 17.30 1.88
C SER A 440 11.51 17.56 0.88
N ILE A 441 11.18 18.32 -0.15
CA ILE A 441 12.16 18.54 -1.22
C ILE A 441 13.33 19.36 -0.69
N THR A 442 13.07 20.42 0.08
CA THR A 442 14.16 21.18 0.68
C THR A 442 14.99 20.31 1.62
N ALA A 443 14.33 19.46 2.41
CA ALA A 443 15.05 18.59 3.33
C ALA A 443 16.01 17.68 2.58
N ILE A 444 15.62 17.22 1.39
CA ILE A 444 16.55 16.45 0.58
C ILE A 444 17.83 17.25 0.37
N VAL A 445 17.69 18.52 0.02
CA VAL A 445 18.85 19.34 -0.31
C VAL A 445 19.53 19.85 0.95
N GLU A 446 18.75 20.34 1.90
CA GLU A 446 19.32 21.06 3.03
C GLU A 446 19.89 20.13 4.09
N LYS A 447 19.33 18.94 4.26
CA LYS A 447 19.86 18.00 5.24
C LYS A 447 20.61 16.85 4.60
N PHE A 448 19.95 16.07 3.74
CA PHE A 448 20.57 14.85 3.24
C PHE A 448 21.72 15.11 2.27
N ALA A 449 21.77 16.28 1.65
CA ALA A 449 22.88 16.63 0.77
C ALA A 449 23.79 17.69 1.38
N ALA A 450 23.86 17.76 2.70
CA ALA A 450 24.66 18.78 3.38
C ALA A 450 26.15 18.53 3.15
N LEU A 451 26.82 19.44 2.46
CA LEU A 451 28.22 19.25 2.08
C LEU A 451 29.21 19.88 3.06
N GLU A 452 28.81 20.94 3.77
CA GLU A 452 29.70 21.61 4.70
C GLU A 452 29.49 21.04 6.10
N HIS A 453 30.04 21.73 7.11
CA HIS A 453 29.94 21.32 8.51
C HIS A 453 29.64 22.54 9.37
N HIS A 454 28.66 23.34 8.92
CA HIS A 454 28.18 24.44 9.73
C HIS A 454 27.55 23.87 11.00
N HIS A 455 27.90 24.45 12.14
CA HIS A 455 27.38 23.93 13.38
C HIS A 455 25.99 24.50 13.65
N HIS A 456 25.26 23.84 14.54
CA HIS A 456 23.88 24.21 14.84
C HIS A 456 23.56 23.99 16.32
#